data_7ANV
#
_entry.id   7ANV
#
_cell.length_a   59.085
_cell.length_b   69.107
_cell.length_c   114.390
_cell.angle_alpha   90.000
_cell.angle_beta   90.000
_cell.angle_gamma   90.000
#
_symmetry.space_group_name_H-M   'P 21 21 21'
#
loop_
_entity.id
_entity.type
_entity.pdbx_description
1 polymer 'ancestral D-type dye decolorizing peroxidase'
2 non-polymer 'PROTOPORPHYRIN IX CONTAINING FE'
3 non-polymer GLYCEROL
4 non-polymer 'SULFATE ION'
5 non-polymer 'OXYGEN MOLECULE'
6 water water
#
_entity_poly.entity_id   1
_entity_poly.type   'polypeptide(L)'
_entity_poly.pdbx_seq_one_letter_code
;APLDLNNIQGDILGGLPKKTETYFFFKITDAAAFRKHLKQLIPLITTTAQVQKDRKAIDEHKKSNQKSGKPPELLPLAGV
NIAFSHAGLKKLGINDDNLGDTAFKAGQLADAQNLGDPGTGNAGAKFVPDWDPAFKEKDIHGVILVAGDSHETVDKKLQE
IEAIFGVGGPHASIHEVLTIQGDVRPGDEKGHEHFGFQDGISQPAVKGFDTNPNPGQAPVRPGVILVGRDGDSVANNARP
SWAKDGSFLVFRKLQQLVPEFNKFLEENPIKLPGNNLTPEEGSELLGARLVGRWKSGAPIDITPLQDDPELAKDPQRNNN
FRFDHPFADEQDSQTRCPFAAHIRKTNPRADLEDASPTSVESRRIIRRGIPYGPEVTPEEKESKKTKHDRGLLFVCYQSN
IENGFQFIQKSWANNPNFPPSKPNPVTPGFDPIIGQAANNDGARTMSGTDPNNQANELSLPTELFVVPRGGEYFFSPSIS
ALKDTFAA
;
_entity_poly.pdbx_strand_id   A
#
# COMPACT_ATOMS: atom_id res chain seq x y z
N ALA A 1 24.70 8.90 10.10
CA ALA A 1 25.51 8.92 8.84
C ALA A 1 24.58 9.11 7.64
N PRO A 2 25.11 9.63 6.50
CA PRO A 2 24.31 9.75 5.29
C PRO A 2 23.84 8.35 4.88
N LEU A 3 22.75 8.29 4.15
CA LEU A 3 22.25 6.99 3.63
C LEU A 3 23.15 6.56 2.48
N ASP A 4 23.52 5.28 2.44
CA ASP A 4 24.24 4.72 1.29
C ASP A 4 23.20 4.13 0.38
N LEU A 5 22.83 4.87 -0.64
CA LEU A 5 21.69 4.47 -1.48
C LEU A 5 22.07 3.26 -2.35
N ASN A 6 23.36 2.93 -2.48
CA ASN A 6 23.78 1.73 -3.22
C ASN A 6 23.76 0.50 -2.33
N ASN A 7 23.33 0.63 -1.06
CA ASN A 7 23.15 -0.53 -0.16
C ASN A 7 21.69 -0.87 0.06
N ILE A 8 20.76 -0.05 -0.46
CA ILE A 8 19.33 -0.13 -0.13
C ILE A 8 18.64 -0.64 -1.38
N GLN A 9 17.81 -1.63 -1.27
CA GLN A 9 17.01 -2.12 -2.41
C GLN A 9 16.08 -1.00 -2.91
N GLY A 10 16.05 -0.81 -4.25
CA GLY A 10 15.47 0.38 -4.88
C GLY A 10 13.96 0.48 -4.82
N ASP A 11 13.21 -0.54 -4.45
CA ASP A 11 11.74 -0.33 -4.31
C ASP A 11 11.45 0.44 -3.01
N ILE A 12 12.38 0.43 -2.05
CA ILE A 12 12.14 0.99 -0.69
C ILE A 12 12.17 2.52 -0.80
N LEU A 13 13.34 3.08 -1.10
CA LEU A 13 13.52 4.52 -1.32
C LEU A 13 13.59 4.73 -2.84
N GLY A 14 12.80 5.69 -3.35
CA GLY A 14 12.68 5.98 -4.78
C GLY A 14 11.57 5.18 -5.42
N GLY A 15 11.64 3.87 -5.27
CA GLY A 15 10.68 2.90 -5.84
C GLY A 15 11.02 2.53 -7.26
N LEU A 16 10.81 1.25 -7.59
CA LEU A 16 11.10 0.75 -8.96
C LEU A 16 10.11 1.34 -9.94
N PRO A 17 10.57 2.08 -10.97
CA PRO A 17 9.66 2.66 -11.95
C PRO A 17 9.06 1.55 -12.82
N LYS A 18 7.82 1.71 -13.26
CA LYS A 18 7.12 0.57 -13.88
C LYS A 18 5.89 1.00 -14.66
N LYS A 19 5.59 0.23 -15.70
CA LYS A 19 4.24 0.15 -16.32
C LYS A 19 3.63 -1.21 -15.97
N THR A 20 4.46 -2.20 -15.67
CA THR A 20 4.03 -3.56 -15.31
C THR A 20 5.02 -4.12 -14.29
N GLU A 21 4.56 -5.05 -13.46
CA GLU A 21 5.42 -5.59 -12.40
C GLU A 21 4.90 -6.99 -12.12
N THR A 22 5.81 -7.95 -11.95
CA THR A 22 5.45 -9.33 -11.63
C THR A 22 6.01 -9.65 -10.26
N TYR A 23 5.18 -10.24 -9.41
CA TYR A 23 5.59 -10.77 -8.11
C TYR A 23 5.70 -12.28 -8.24
N PHE A 24 6.90 -12.81 -8.05
CA PHE A 24 7.22 -14.25 -8.13
C PHE A 24 7.43 -14.77 -6.70
N PHE A 25 6.40 -15.45 -6.18
CA PHE A 25 6.42 -15.95 -4.79
C PHE A 25 6.99 -17.36 -4.85
N PHE A 26 8.00 -17.63 -4.04
CA PHE A 26 8.73 -18.89 -4.16
C PHE A 26 8.90 -19.57 -2.81
N LYS A 27 9.07 -20.88 -2.90
CA LYS A 27 9.50 -21.75 -1.80
C LYS A 27 10.92 -22.17 -2.12
N ILE A 28 11.79 -22.13 -1.11
CA ILE A 28 13.18 -22.64 -1.21
C ILE A 28 13.12 -24.16 -1.01
N THR A 29 13.55 -24.92 -2.01
CA THR A 29 13.52 -26.41 -1.95
C THR A 29 14.93 -26.95 -1.69
N ASP A 30 15.97 -26.15 -1.89
CA ASP A 30 17.38 -26.61 -1.66
C ASP A 30 18.13 -25.39 -1.12
N ALA A 31 18.28 -25.29 0.22
CA ALA A 31 18.88 -24.14 0.93
C ALA A 31 20.32 -23.90 0.49
N ALA A 32 21.18 -24.93 0.44
CA ALA A 32 22.60 -24.78 0.07
C ALA A 32 22.70 -24.25 -1.36
N ALA A 33 21.91 -24.82 -2.27
CA ALA A 33 21.97 -24.37 -3.68
C ALA A 33 21.43 -22.95 -3.78
N PHE A 34 20.36 -22.66 -3.04
CA PHE A 34 19.73 -21.32 -3.08
C PHE A 34 20.75 -20.23 -2.68
N ARG A 35 21.55 -20.50 -1.66
CA ARG A 35 22.52 -19.51 -1.16
C ARG A 35 23.59 -19.31 -2.23
N LYS A 36 23.98 -20.33 -2.99
CA LYS A 36 24.99 -20.21 -4.08
C LYS A 36 24.38 -19.41 -5.22
N HIS A 37 23.14 -19.77 -5.61
CA HIS A 37 22.39 -19.09 -6.69
C HIS A 37 22.22 -17.60 -6.40
N LEU A 38 21.92 -17.27 -5.15
CA LEU A 38 21.66 -15.88 -4.73
C LEU A 38 22.89 -15.01 -5.01
N LYS A 39 24.10 -15.56 -4.97
CA LYS A 39 25.33 -14.80 -5.28
C LYS A 39 25.25 -14.23 -6.71
N GLN A 40 24.66 -14.99 -7.63
N GLN A 40 24.66 -15.00 -7.64
CA GLN A 40 24.51 -14.62 -9.05
CA GLN A 40 24.52 -14.60 -9.06
C GLN A 40 23.32 -13.67 -9.22
C GLN A 40 23.29 -13.71 -9.25
N LEU A 41 22.35 -13.66 -8.32
CA LEU A 41 21.22 -12.68 -8.41
C LEU A 41 21.69 -11.30 -7.97
N ILE A 42 22.59 -11.21 -7.00
CA ILE A 42 22.92 -9.90 -6.37
C ILE A 42 23.26 -8.82 -7.40
N PRO A 43 24.07 -9.08 -8.45
CA PRO A 43 24.34 -8.03 -9.45
C PRO A 43 23.11 -7.52 -10.18
N LEU A 44 22.00 -8.24 -10.18
CA LEU A 44 20.73 -7.86 -10.88
C LEU A 44 19.88 -6.99 -9.96
N ILE A 45 20.18 -6.97 -8.66
CA ILE A 45 19.27 -6.30 -7.68
C ILE A 45 19.45 -4.78 -7.87
N THR A 46 18.36 -4.08 -8.12
CA THR A 46 18.32 -2.64 -8.35
C THR A 46 18.35 -1.91 -7.01
N THR A 47 19.36 -1.10 -6.83
CA THR A 47 19.52 -0.30 -5.58
C THR A 47 18.80 1.02 -5.75
N THR A 48 18.64 1.75 -4.66
CA THR A 48 18.04 3.11 -4.74
C THR A 48 18.94 3.99 -5.61
N ALA A 49 20.28 3.86 -5.49
CA ALA A 49 21.21 4.62 -6.34
C ALA A 49 20.84 4.39 -7.82
N GLN A 50 20.65 3.13 -8.24
CA GLN A 50 20.36 2.80 -9.63
C GLN A 50 18.98 3.35 -9.99
N VAL A 51 18.00 3.25 -9.10
CA VAL A 51 16.66 3.83 -9.39
C VAL A 51 16.76 5.32 -9.69
N GLN A 52 17.56 6.05 -8.94
CA GLN A 52 17.69 7.51 -9.14
C GLN A 52 18.30 7.77 -10.51
N LYS A 53 19.27 6.96 -10.92
CA LYS A 53 19.79 7.02 -12.30
C LYS A 53 18.69 6.70 -13.30
N ASP A 54 17.96 5.62 -13.09
CA ASP A 54 16.88 5.15 -14.01
C ASP A 54 15.82 6.24 -14.16
N ARG A 55 15.41 6.88 -13.06
CA ARG A 55 14.34 7.92 -13.07
C ARG A 55 14.85 9.14 -13.85
N LYS A 56 16.12 9.51 -13.68
CA LYS A 56 16.79 10.58 -14.46
C LYS A 56 16.72 10.22 -15.95
N ALA A 57 16.88 8.94 -16.33
CA ALA A 57 16.84 8.50 -17.75
C ALA A 57 15.40 8.53 -18.28
N ILE A 58 14.42 8.08 -17.50
CA ILE A 58 12.98 8.15 -17.92
C ILE A 58 12.61 9.63 -18.09
N ASP A 59 12.95 10.50 -17.14
CA ASP A 59 12.57 11.95 -17.16
C ASP A 59 13.18 12.66 -18.38
N GLU A 60 14.19 12.07 -19.03
CA GLU A 60 14.88 12.67 -20.20
C GLU A 60 14.42 12.03 -21.52
N HIS A 61 13.42 11.15 -21.49
CA HIS A 61 13.00 10.31 -22.65
C HIS A 61 11.57 10.70 -23.07
N LEU A 75 11.58 3.10 -23.49
CA LEU A 75 12.93 2.87 -22.88
C LEU A 75 12.96 1.54 -22.14
N PRO A 76 13.64 0.50 -22.67
CA PRO A 76 13.66 -0.82 -22.02
C PRO A 76 14.38 -0.69 -20.67
N LEU A 77 13.68 -1.00 -19.58
CA LEU A 77 14.21 -0.78 -18.23
C LEU A 77 13.56 -1.78 -17.28
N ALA A 78 14.35 -2.59 -16.56
CA ALA A 78 13.85 -3.57 -15.59
C ALA A 78 14.39 -3.22 -14.20
N GLY A 79 13.61 -3.49 -13.16
CA GLY A 79 14.13 -3.36 -11.80
C GLY A 79 13.85 -4.65 -11.06
N VAL A 80 14.74 -5.09 -10.20
CA VAL A 80 14.64 -6.40 -9.49
C VAL A 80 14.91 -6.18 -8.02
N ASN A 81 13.99 -6.65 -7.15
CA ASN A 81 14.24 -6.68 -5.69
C ASN A 81 13.83 -8.08 -5.22
N ILE A 82 14.26 -8.41 -4.00
CA ILE A 82 13.95 -9.70 -3.37
C ILE A 82 13.68 -9.48 -1.89
N ALA A 83 12.74 -10.27 -1.36
CA ALA A 83 12.34 -10.17 0.05
C ALA A 83 12.03 -11.59 0.54
N PHE A 84 12.17 -11.78 1.84
CA PHE A 84 12.08 -13.10 2.51
C PHE A 84 11.02 -13.02 3.59
N SER A 85 10.21 -14.08 3.71
CA SER A 85 9.29 -14.26 4.86
C SER A 85 10.08 -14.85 6.02
N HIS A 86 9.51 -14.83 7.23
CA HIS A 86 10.10 -15.57 8.37
C HIS A 86 10.32 -17.04 7.99
N ALA A 87 9.35 -17.71 7.34
CA ALA A 87 9.46 -19.14 6.91
C ALA A 87 10.70 -19.33 6.01
N GLY A 88 11.02 -18.35 5.17
CA GLY A 88 12.21 -18.40 4.30
C GLY A 88 13.48 -18.28 5.11
N LEU A 89 13.55 -17.36 6.08
CA LEU A 89 14.76 -17.19 6.92
C LEU A 89 14.96 -18.48 7.69
N LYS A 90 13.87 -19.07 8.20
CA LYS A 90 14.01 -20.33 8.97
C LYS A 90 14.62 -21.40 8.07
N LYS A 91 14.07 -21.56 6.87
CA LYS A 91 14.55 -22.54 5.89
C LYS A 91 16.06 -22.36 5.65
N LEU A 92 16.54 -21.13 5.58
CA LEU A 92 17.96 -20.81 5.30
C LEU A 92 18.83 -20.92 6.57
N GLY A 93 18.22 -21.12 7.74
CA GLY A 93 18.93 -21.21 9.03
C GLY A 93 19.40 -19.85 9.50
N ILE A 94 18.74 -18.78 9.06
CA ILE A 94 19.10 -17.40 9.51
C ILE A 94 18.26 -17.11 10.76
N ASN A 95 18.94 -16.93 11.90
CA ASN A 95 18.26 -16.72 13.20
C ASN A 95 17.63 -15.32 13.20
N ASP A 96 16.31 -15.23 13.20
CA ASP A 96 15.67 -13.90 13.16
C ASP A 96 14.98 -13.61 14.50
N ASP A 97 15.56 -14.09 15.60
CA ASP A 97 15.00 -13.89 16.96
C ASP A 97 14.79 -12.41 17.28
N ASN A 98 15.63 -11.50 16.75
CA ASN A 98 15.59 -10.02 16.98
C ASN A 98 15.07 -9.25 15.76
N LEU A 99 14.63 -9.96 14.73
CA LEU A 99 14.09 -9.26 13.54
C LEU A 99 12.59 -8.95 13.70
N GLY A 100 12.25 -7.67 13.57
CA GLY A 100 10.87 -7.20 13.71
C GLY A 100 10.31 -7.68 15.01
N ASP A 101 9.03 -8.03 14.99
CA ASP A 101 8.30 -8.38 16.25
C ASP A 101 7.30 -9.43 15.80
N THR A 102 6.30 -9.68 16.64
CA THR A 102 5.39 -10.82 16.48
C THR A 102 4.91 -10.76 15.03
N ALA A 103 4.68 -9.59 14.41
CA ALA A 103 3.91 -9.61 13.15
C ALA A 103 4.70 -10.39 12.09
N PHE A 104 5.94 -10.01 11.83
CA PHE A 104 6.75 -10.66 10.78
C PHE A 104 6.92 -12.14 11.14
N LYS A 105 7.21 -12.42 12.40
CA LYS A 105 7.53 -13.81 12.82
C LYS A 105 6.28 -14.69 12.67
N ALA A 106 5.10 -14.16 12.94
CA ALA A 106 3.86 -14.94 12.98
C ALA A 106 3.31 -15.17 11.55
N GLY A 107 3.61 -14.29 10.61
CA GLY A 107 3.13 -14.36 9.22
C GLY A 107 1.77 -13.72 9.08
N GLN A 108 1.39 -13.31 7.89
CA GLN A 108 0.12 -12.58 7.70
C GLN A 108 -1.11 -13.47 7.92
N LEU A 109 -1.04 -14.78 7.60
CA LEU A 109 -2.21 -15.65 7.74
C LEU A 109 -2.71 -15.59 9.18
N ALA A 110 -1.78 -15.66 10.15
CA ALA A 110 -2.08 -15.59 11.59
C ALA A 110 -2.75 -14.25 11.95
N ASP A 111 -2.50 -13.19 11.17
CA ASP A 111 -3.01 -11.84 11.47
C ASP A 111 -4.35 -11.59 10.74
N ALA A 112 -4.75 -12.45 9.81
CA ALA A 112 -5.94 -12.17 8.97
C ALA A 112 -7.18 -11.86 9.80
N GLN A 113 -7.44 -12.61 10.86
CA GLN A 113 -8.68 -12.42 11.65
C GLN A 113 -8.70 -10.99 12.19
N ASN A 114 -7.59 -10.54 12.77
CA ASN A 114 -7.50 -9.23 13.45
C ASN A 114 -7.47 -8.12 12.41
N LEU A 115 -6.95 -8.37 11.21
CA LEU A 115 -6.99 -7.39 10.10
C LEU A 115 -8.46 -7.19 9.69
N GLY A 116 -9.32 -8.16 10.02
CA GLY A 116 -10.76 -8.14 9.70
C GLY A 116 -11.09 -8.84 8.39
N ASP A 117 -10.18 -9.64 7.87
CA ASP A 117 -10.42 -10.30 6.56
C ASP A 117 -11.62 -11.23 6.69
N PRO A 118 -12.44 -11.32 5.63
CA PRO A 118 -13.54 -12.27 5.62
C PRO A 118 -13.01 -13.69 5.85
N GLY A 119 -13.75 -14.47 6.63
CA GLY A 119 -13.41 -15.88 6.87
C GLY A 119 -14.68 -16.72 6.75
N THR A 120 -14.50 -18.03 6.64
CA THR A 120 -15.53 -19.05 7.00
C THR A 120 -15.12 -19.63 8.36
N GLY A 121 -14.18 -18.96 9.05
CA GLY A 121 -13.64 -19.36 10.37
C GLY A 121 -14.71 -19.97 11.28
N PHE A 127 -10.54 -20.37 12.76
CA PHE A 127 -10.62 -19.26 11.76
C PHE A 127 -9.63 -19.45 10.60
N VAL A 128 -10.17 -19.52 9.38
CA VAL A 128 -9.40 -19.55 8.11
C VAL A 128 -9.93 -18.44 7.20
N PRO A 129 -9.08 -17.53 6.72
CA PRO A 129 -9.55 -16.41 5.91
C PRO A 129 -9.93 -16.92 4.52
N ASP A 130 -10.79 -16.18 3.83
CA ASP A 130 -11.24 -16.54 2.45
C ASP A 130 -10.17 -16.10 1.44
N TRP A 131 -8.92 -16.54 1.63
CA TRP A 131 -7.78 -16.15 0.77
C TRP A 131 -7.67 -17.05 -0.48
N ASP A 132 -6.89 -16.61 -1.49
CA ASP A 132 -6.50 -17.50 -2.60
C ASP A 132 -5.71 -18.65 -1.98
N PRO A 133 -5.86 -19.89 -2.49
CA PRO A 133 -5.16 -21.06 -1.97
C PRO A 133 -3.64 -20.88 -1.73
N ALA A 134 -2.93 -20.21 -2.65
CA ALA A 134 -1.47 -20.06 -2.60
C ALA A 134 -1.04 -19.33 -1.33
N PHE A 135 -1.84 -18.37 -0.85
CA PHE A 135 -1.52 -17.53 0.33
C PHE A 135 -1.93 -18.23 1.63
N LYS A 136 -2.86 -19.17 1.48
CA LYS A 136 -3.62 -19.78 2.60
C LYS A 136 -2.96 -21.12 2.88
N GLU A 137 -2.71 -21.90 1.82
CA GLU A 137 -2.31 -23.33 1.90
C GLU A 137 -0.79 -23.47 2.00
N LYS A 138 -0.03 -22.54 1.41
CA LYS A 138 1.32 -22.87 0.88
C LYS A 138 2.43 -22.14 1.64
N ASP A 139 3.64 -22.70 1.62
CA ASP A 139 4.83 -22.21 2.35
C ASP A 139 5.59 -21.23 1.43
N ILE A 140 5.22 -19.96 1.52
CA ILE A 140 5.91 -18.87 0.78
C ILE A 140 7.15 -18.45 1.61
N HIS A 141 8.31 -18.57 0.99
CA HIS A 141 9.62 -18.26 1.61
C HIS A 141 10.12 -16.89 1.20
N GLY A 142 9.62 -16.37 0.10
CA GLY A 142 10.11 -15.08 -0.40
C GLY A 142 9.34 -14.63 -1.62
N VAL A 143 9.72 -13.48 -2.11
CA VAL A 143 9.13 -12.92 -3.34
C VAL A 143 10.24 -12.19 -4.05
N ILE A 144 10.25 -12.39 -5.35
CA ILE A 144 11.10 -11.60 -6.27
C ILE A 144 10.16 -10.66 -6.97
N LEU A 145 10.49 -9.38 -6.96
CA LEU A 145 9.74 -8.31 -7.64
C LEU A 145 10.47 -7.98 -8.93
N VAL A 146 9.80 -8.02 -10.05
CA VAL A 146 10.43 -7.58 -11.32
C VAL A 146 9.51 -6.51 -11.95
N ALA A 147 10.01 -5.29 -12.04
CA ALA A 147 9.27 -4.11 -12.52
C ALA A 147 9.88 -3.70 -13.87
N GLY A 148 9.08 -3.26 -14.82
CA GLY A 148 9.62 -2.88 -16.12
C GLY A 148 8.70 -1.98 -16.91
N ASP A 149 9.21 -1.55 -18.04
CA ASP A 149 8.50 -0.68 -18.99
C ASP A 149 7.45 -1.48 -19.77
N SER A 150 7.58 -2.81 -19.85
CA SER A 150 6.77 -3.64 -20.78
C SER A 150 6.75 -5.08 -20.29
N HIS A 151 5.77 -5.85 -20.75
CA HIS A 151 5.73 -7.32 -20.49
C HIS A 151 7.01 -7.94 -21.05
N GLU A 152 7.46 -7.51 -22.23
CA GLU A 152 8.67 -8.08 -22.89
C GLU A 152 9.88 -7.96 -21.95
N THR A 153 10.09 -6.76 -21.40
CA THR A 153 11.23 -6.48 -20.50
C THR A 153 11.14 -7.34 -19.25
N VAL A 154 9.98 -7.40 -18.62
CA VAL A 154 9.81 -8.16 -17.35
C VAL A 154 10.00 -9.65 -17.64
N ASP A 155 9.39 -10.17 -18.71
CA ASP A 155 9.43 -11.62 -19.04
C ASP A 155 10.87 -12.05 -19.29
N LYS A 156 11.62 -11.21 -20.01
CA LYS A 156 13.03 -11.51 -20.33
C LYS A 156 13.81 -11.57 -19.03
N LYS A 157 13.60 -10.60 -18.13
CA LYS A 157 14.35 -10.57 -16.87
C LYS A 157 13.96 -11.78 -15.99
N LEU A 158 12.67 -12.11 -15.94
CA LEU A 158 12.21 -13.32 -15.22
C LEU A 158 12.88 -14.59 -15.77
N GLN A 159 13.05 -14.74 -17.09
CA GLN A 159 13.73 -15.95 -17.62
C GLN A 159 15.17 -15.99 -17.09
N GLU A 160 15.82 -14.85 -17.00
CA GLU A 160 17.22 -14.77 -16.51
C GLU A 160 17.25 -15.19 -15.03
N ILE A 161 16.33 -14.66 -14.23
CA ILE A 161 16.24 -14.96 -12.77
C ILE A 161 15.88 -16.43 -12.58
N GLU A 162 14.93 -16.95 -13.35
CA GLU A 162 14.64 -18.39 -13.29
C GLU A 162 15.92 -19.20 -13.57
N ALA A 163 16.72 -18.83 -14.57
CA ALA A 163 17.95 -19.56 -14.91
C ALA A 163 18.90 -19.56 -13.72
N ILE A 164 19.05 -18.40 -13.09
CA ILE A 164 19.97 -18.25 -11.93
C ILE A 164 19.57 -19.25 -10.86
N PHE A 165 18.27 -19.44 -10.58
CA PHE A 165 17.80 -20.37 -9.53
C PHE A 165 17.52 -21.78 -10.08
N GLY A 166 17.85 -22.04 -11.33
CA GLY A 166 17.75 -23.39 -11.91
C GLY A 166 16.32 -23.84 -12.15
N VAL A 167 15.36 -22.91 -12.18
CA VAL A 167 13.92 -23.23 -12.37
C VAL A 167 13.74 -23.87 -13.74
N GLY A 168 13.05 -25.01 -13.81
CA GLY A 168 12.81 -25.73 -15.07
C GLY A 168 13.90 -26.74 -15.41
N GLY A 169 14.89 -26.90 -14.54
CA GLY A 169 16.05 -27.78 -14.75
C GLY A 169 16.39 -28.51 -13.47
N PRO A 170 17.38 -29.43 -13.52
CA PRO A 170 17.67 -30.28 -12.38
C PRO A 170 18.48 -29.57 -11.28
N HIS A 171 18.95 -28.34 -11.53
CA HIS A 171 19.65 -27.52 -10.50
C HIS A 171 18.66 -26.65 -9.70
N ALA A 172 17.34 -26.74 -9.92
CA ALA A 172 16.38 -25.82 -9.26
C ALA A 172 16.63 -25.81 -7.74
N SER A 173 16.68 -24.61 -7.16
CA SER A 173 16.80 -24.38 -5.71
C SER A 173 15.48 -23.81 -5.16
N ILE A 174 14.55 -23.41 -6.04
CA ILE A 174 13.25 -22.84 -5.62
C ILE A 174 12.15 -23.45 -6.50
N HIS A 175 10.93 -23.36 -6.00
CA HIS A 175 9.66 -23.79 -6.63
C HIS A 175 8.77 -22.56 -6.64
N GLU A 176 8.15 -22.26 -7.77
CA GLU A 176 7.15 -21.16 -7.88
C GLU A 176 5.89 -21.55 -7.10
N VAL A 177 5.42 -20.72 -6.18
CA VAL A 177 4.14 -20.94 -5.44
C VAL A 177 3.05 -20.20 -6.19
N LEU A 178 3.37 -18.99 -6.66
CA LEU A 178 2.36 -18.10 -7.26
C LEU A 178 3.12 -17.01 -8.01
N THR A 179 2.62 -16.66 -9.19
CA THR A 179 3.06 -15.43 -9.88
C THR A 179 1.84 -14.53 -10.06
N ILE A 180 2.00 -13.24 -9.76
CA ILE A 180 0.88 -12.27 -9.98
C ILE A 180 1.50 -11.14 -10.80
N GLN A 181 0.83 -10.75 -11.85
CA GLN A 181 1.24 -9.60 -12.67
C GLN A 181 0.37 -8.38 -12.37
N GLY A 182 1.01 -7.24 -12.18
CA GLY A 182 0.30 -5.96 -12.11
C GLY A 182 0.57 -5.15 -13.34
N ASP A 183 -0.33 -4.24 -13.63
CA ASP A 183 -0.28 -3.39 -14.84
C ASP A 183 -0.86 -2.04 -14.47
N VAL A 184 -0.12 -0.98 -14.75
CA VAL A 184 -0.65 0.40 -14.65
C VAL A 184 -1.81 0.49 -15.64
N ARG A 185 -2.80 1.30 -15.29
CA ARG A 185 -4.05 1.37 -16.09
C ARG A 185 -3.79 2.21 -17.32
N PRO A 186 -4.58 2.03 -18.40
CA PRO A 186 -4.27 2.66 -19.68
C PRO A 186 -4.69 4.12 -19.83
N GLY A 187 -4.00 4.81 -20.74
CA GLY A 187 -4.37 6.15 -21.20
C GLY A 187 -4.45 7.16 -20.06
N ASP A 188 -5.52 7.94 -20.02
CA ASP A 188 -5.72 9.00 -19.00
C ASP A 188 -5.93 8.40 -17.61
N GLU A 189 -6.05 7.08 -17.45
CA GLU A 189 -6.17 6.43 -16.10
C GLU A 189 -4.82 5.89 -15.63
N LYS A 190 -3.73 6.21 -16.34
CA LYS A 190 -2.37 5.84 -15.89
C LYS A 190 -2.12 6.47 -14.52
N GLY A 191 -1.67 5.68 -13.56
CA GLY A 191 -1.42 6.14 -12.18
C GLY A 191 -2.69 6.21 -11.34
N HIS A 192 -3.84 5.87 -11.88
CA HIS A 192 -5.10 5.72 -11.10
C HIS A 192 -5.32 4.26 -10.73
N GLU A 193 -5.95 4.04 -9.58
CA GLU A 193 -6.31 2.67 -9.15
C GLU A 193 -7.64 2.36 -9.84
N HIS A 194 -8.12 1.15 -9.71
CA HIS A 194 -9.29 0.67 -10.51
C HIS A 194 -10.58 1.40 -10.19
N PHE A 195 -10.76 1.98 -8.99
CA PHE A 195 -11.98 2.76 -8.72
C PHE A 195 -11.95 4.10 -9.51
N GLY A 196 -10.78 4.51 -9.99
CA GLY A 196 -10.60 5.67 -10.87
C GLY A 196 -9.85 6.82 -10.23
N PHE A 197 -9.33 6.65 -9.02
CA PHE A 197 -8.66 7.73 -8.26
C PHE A 197 -7.15 7.70 -8.52
N GLN A 198 -6.59 8.89 -8.80
CA GLN A 198 -5.13 9.13 -8.87
C GLN A 198 -4.52 8.62 -7.57
N ASP A 199 -3.47 7.82 -7.72
CA ASP A 199 -2.72 7.23 -6.61
C ASP A 199 -1.27 7.76 -6.67
N GLY A 200 -0.54 7.48 -5.61
CA GLY A 200 0.90 7.74 -5.50
C GLY A 200 1.22 9.20 -5.25
N ILE A 201 0.30 9.98 -4.67
CA ILE A 201 0.55 11.42 -4.44
C ILE A 201 1.34 11.60 -3.15
N SER A 202 0.84 11.05 -2.05
CA SER A 202 1.31 11.37 -0.69
C SER A 202 2.18 10.24 -0.17
N GLN A 203 3.45 10.55 0.05
CA GLN A 203 4.41 9.61 0.66
C GLN A 203 5.15 10.41 1.71
N PRO A 204 5.68 9.76 2.76
CA PRO A 204 6.49 10.48 3.75
C PRO A 204 7.79 10.89 3.06
N ALA A 205 8.31 12.05 3.44
CA ALA A 205 9.63 12.50 2.96
C ALA A 205 10.66 11.90 3.91
N VAL A 206 11.50 11.02 3.42
CA VAL A 206 12.55 10.39 4.26
C VAL A 206 13.75 11.35 4.41
N LYS A 207 14.03 11.76 5.64
CA LYS A 207 15.17 12.64 5.91
C LYS A 207 16.45 11.99 5.42
N GLY A 208 17.26 12.77 4.71
CA GLY A 208 18.52 12.26 4.12
C GLY A 208 18.30 11.74 2.71
N PHE A 209 17.05 11.64 2.25
CA PHE A 209 16.76 11.11 0.89
C PHE A 209 15.87 12.11 0.15
N ASP A 210 14.69 12.34 0.68
CA ASP A 210 13.73 13.35 0.15
C ASP A 210 14.11 14.69 0.78
N THR A 211 15.13 15.35 0.24
CA THR A 211 15.76 16.56 0.86
C THR A 211 14.96 17.81 0.48
N ASN A 212 13.93 17.68 -0.36
CA ASN A 212 13.13 18.84 -0.78
C ASN A 212 11.66 18.46 -0.69
N PRO A 213 11.14 18.32 0.54
CA PRO A 213 9.76 17.89 0.72
C PRO A 213 8.81 18.91 0.10
N ASN A 214 7.72 18.42 -0.49
CA ASN A 214 6.63 19.30 -0.97
C ASN A 214 5.92 19.98 0.21
N PRO A 215 5.21 21.10 -0.04
CA PRO A 215 4.35 21.69 0.99
C PRO A 215 3.31 20.69 1.45
N GLY A 216 3.27 20.47 2.77
CA GLY A 216 2.39 19.47 3.37
C GLY A 216 2.97 18.08 3.51
N GLN A 217 4.13 17.81 2.89
CA GLN A 217 4.78 16.48 2.94
C GLN A 217 5.65 16.40 4.19
N ALA A 218 5.21 15.68 5.20
CA ALA A 218 5.93 15.58 6.49
C ALA A 218 7.20 14.76 6.33
N PRO A 219 8.33 15.23 6.91
CA PRO A 219 9.58 14.49 6.90
C PRO A 219 9.52 13.46 8.02
N VAL A 220 10.14 12.30 7.80
CA VAL A 220 10.26 11.23 8.82
C VAL A 220 11.75 10.88 8.90
N ARG A 221 12.17 10.49 10.11
CA ARG A 221 13.53 9.98 10.29
C ARG A 221 13.66 8.68 9.50
N PRO A 222 14.85 8.42 8.96
CA PRO A 222 15.02 7.30 8.02
C PRO A 222 14.62 5.95 8.62
N GLY A 223 14.82 5.79 9.93
CA GLY A 223 14.52 4.55 10.67
C GLY A 223 13.04 4.26 10.82
N VAL A 224 12.16 5.16 10.39
CA VAL A 224 10.74 4.77 10.23
C VAL A 224 10.63 3.75 9.09
N ILE A 225 11.53 3.79 8.12
CA ILE A 225 11.45 2.96 6.88
C ILE A 225 12.55 1.90 6.92
N LEU A 226 13.75 2.29 7.34
CA LEU A 226 14.95 1.41 7.28
C LEU A 226 15.34 0.92 8.66
N VAL A 227 15.40 -0.40 8.83
CA VAL A 227 15.77 -1.01 10.12
C VAL A 227 17.19 -0.52 10.45
N GLY A 228 17.41 -0.13 11.70
CA GLY A 228 18.75 0.19 12.20
C GLY A 228 19.17 1.62 11.95
N ARG A 229 18.34 2.44 11.34
CA ARG A 229 18.65 3.86 11.13
C ARG A 229 17.93 4.70 12.19
N ASP A 230 18.35 5.95 12.31
CA ASP A 230 17.80 6.93 13.30
C ASP A 230 16.29 6.94 13.20
N GLY A 231 15.62 6.67 14.31
CA GLY A 231 14.16 6.70 14.39
C GLY A 231 13.56 5.31 14.37
N ASP A 232 14.38 4.26 14.24
CA ASP A 232 13.94 2.84 14.32
C ASP A 232 13.87 2.50 15.80
N SER A 233 12.68 2.59 16.36
CA SER A 233 12.36 2.31 17.78
C SER A 233 12.18 0.81 17.95
N VAL A 234 13.29 0.07 17.83
CA VAL A 234 13.53 -1.37 18.18
C VAL A 234 15.06 -1.56 18.18
N ALA A 238 18.05 -4.04 20.28
CA ALA A 238 18.96 -4.92 19.51
C ALA A 238 18.33 -5.13 18.12
N ARG A 239 19.18 -5.22 17.09
CA ARG A 239 18.78 -5.68 15.73
C ARG A 239 19.91 -6.62 15.30
N PRO A 240 19.68 -7.61 14.42
CA PRO A 240 20.81 -8.32 13.82
C PRO A 240 21.51 -7.31 12.88
N SER A 241 22.82 -7.46 12.72
CA SER A 241 23.61 -6.56 11.84
C SER A 241 23.08 -6.72 10.40
N TRP A 242 22.63 -7.91 10.05
CA TRP A 242 22.14 -8.22 8.67
C TRP A 242 20.80 -7.51 8.40
N ALA A 243 20.16 -6.89 9.39
CA ALA A 243 18.85 -6.24 9.19
C ALA A 243 19.04 -4.76 8.90
N LYS A 244 20.21 -4.18 9.18
CA LYS A 244 20.42 -2.75 8.90
C LYS A 244 20.19 -2.45 7.42
N ASP A 245 19.42 -1.39 7.19
CA ASP A 245 19.15 -0.81 5.86
C ASP A 245 18.22 -1.73 5.07
N GLY A 246 17.60 -2.72 5.72
CA GLY A 246 16.47 -3.45 5.16
C GLY A 246 15.17 -2.80 5.57
N SER A 247 14.08 -3.24 4.99
CA SER A 247 12.74 -2.73 5.30
C SER A 247 11.77 -3.91 5.23
N PHE A 248 10.70 -3.86 6.03
CA PHE A 248 9.62 -4.88 5.94
C PHE A 248 8.65 -4.51 4.82
N LEU A 249 8.43 -5.49 3.95
CA LEU A 249 7.55 -5.41 2.78
C LEU A 249 6.25 -6.11 3.16
N VAL A 250 5.17 -5.36 3.24
CA VAL A 250 3.81 -5.92 3.38
C VAL A 250 3.21 -6.06 1.99
N PHE A 251 2.78 -7.28 1.65
CA PHE A 251 2.05 -7.56 0.41
C PHE A 251 0.60 -7.93 0.74
N ARG A 252 -0.35 -7.29 0.08
CA ARG A 252 -1.76 -7.68 0.12
C ARG A 252 -2.35 -7.65 -1.29
N LYS A 253 -2.92 -8.77 -1.70
CA LYS A 253 -3.74 -8.82 -2.93
C LYS A 253 -5.16 -8.38 -2.56
N LEU A 254 -5.58 -7.21 -3.03
CA LEU A 254 -6.87 -6.61 -2.65
C LEU A 254 -7.74 -6.53 -3.92
N GLN A 255 -8.68 -7.47 -4.01
CA GLN A 255 -9.63 -7.49 -5.15
C GLN A 255 -10.57 -6.29 -5.05
N GLN A 256 -10.86 -5.61 -6.16
CA GLN A 256 -11.79 -4.45 -6.18
C GLN A 256 -13.04 -4.79 -6.99
N LEU A 257 -14.20 -4.42 -6.46
CA LEU A 257 -15.52 -4.64 -7.09
C LEU A 257 -15.98 -3.28 -7.63
N VAL A 258 -15.52 -2.96 -8.85
CA VAL A 258 -15.62 -1.60 -9.42
C VAL A 258 -17.07 -1.26 -9.77
N PRO A 259 -17.81 -2.11 -10.50
CA PRO A 259 -19.21 -1.78 -10.79
C PRO A 259 -20.05 -1.64 -9.52
N GLU A 260 -19.73 -2.45 -8.50
CA GLU A 260 -20.42 -2.43 -7.19
C GLU A 260 -20.13 -1.10 -6.46
N PHE A 261 -18.89 -0.65 -6.47
CA PHE A 261 -18.51 0.67 -5.91
C PHE A 261 -19.31 1.77 -6.65
N ASN A 262 -19.29 1.70 -7.97
CA ASN A 262 -19.97 2.71 -8.82
C ASN A 262 -21.47 2.71 -8.51
N LYS A 263 -22.07 1.53 -8.35
CA LYS A 263 -23.51 1.40 -8.05
C LYS A 263 -23.81 2.10 -6.74
N PHE A 264 -22.95 1.92 -5.74
CA PHE A 264 -23.13 2.58 -4.43
C PHE A 264 -23.12 4.11 -4.60
N LEU A 265 -22.14 4.66 -5.35
CA LEU A 265 -22.09 6.12 -5.55
C LEU A 265 -23.39 6.54 -6.26
N GLU A 266 -23.78 5.81 -7.30
CA GLU A 266 -24.93 6.14 -8.17
C GLU A 266 -26.20 6.18 -7.32
N GLU A 267 -26.33 5.27 -6.36
CA GLU A 267 -27.57 5.17 -5.53
C GLU A 267 -27.57 6.18 -4.38
N ASN A 268 -26.45 6.85 -4.11
CA ASN A 268 -26.32 7.65 -2.87
C ASN A 268 -25.80 9.06 -3.16
N PRO A 269 -26.30 9.77 -4.18
CA PRO A 269 -25.79 11.11 -4.45
C PRO A 269 -26.06 12.05 -3.26
N ILE A 270 -25.08 12.86 -2.92
CA ILE A 270 -25.25 13.96 -1.96
C ILE A 270 -26.14 15.04 -2.58
N LYS A 271 -27.16 15.43 -1.85
CA LYS A 271 -27.99 16.63 -2.16
C LYS A 271 -27.69 17.73 -1.15
N LEU A 272 -27.04 18.77 -1.61
CA LEU A 272 -26.68 19.96 -0.80
C LEU A 272 -27.89 20.86 -0.73
N PRO A 273 -28.00 21.72 0.31
CA PRO A 273 -29.08 22.69 0.38
C PRO A 273 -29.21 23.47 -0.94
N GLY A 274 -30.43 23.61 -1.39
CA GLY A 274 -30.75 24.29 -2.65
C GLY A 274 -30.95 23.29 -3.77
N ASN A 275 -30.47 22.06 -3.61
CA ASN A 275 -30.72 20.98 -4.59
C ASN A 275 -30.16 21.39 -5.97
N ASN A 276 -28.99 22.02 -6.01
CA ASN A 276 -28.36 22.47 -7.27
C ASN A 276 -27.61 21.32 -7.98
N LEU A 277 -26.97 20.40 -7.26
CA LEU A 277 -26.17 19.32 -7.88
C LEU A 277 -27.10 18.40 -8.67
N THR A 278 -26.65 17.99 -9.83
CA THR A 278 -27.27 16.85 -10.52
C THR A 278 -27.00 15.59 -9.69
N PRO A 279 -27.75 14.50 -9.93
CA PRO A 279 -27.41 13.20 -9.32
C PRO A 279 -25.97 12.77 -9.66
N GLU A 280 -25.54 12.99 -10.90
CA GLU A 280 -24.15 12.68 -11.31
C GLU A 280 -23.18 13.46 -10.44
N GLU A 281 -23.41 14.76 -10.22
CA GLU A 281 -22.47 15.56 -9.39
C GLU A 281 -22.52 15.12 -7.92
N GLY A 282 -23.70 14.78 -7.43
CA GLY A 282 -23.86 14.29 -6.05
C GLY A 282 -23.08 13.01 -5.83
N SER A 283 -23.14 12.09 -6.78
CA SER A 283 -22.44 10.77 -6.73
C SER A 283 -20.93 10.98 -6.81
N GLU A 284 -20.49 11.91 -7.67
CA GLU A 284 -19.06 12.24 -7.85
C GLU A 284 -18.52 12.82 -6.53
N LEU A 285 -19.25 13.76 -5.96
CA LEU A 285 -18.86 14.39 -4.67
C LEU A 285 -18.78 13.31 -3.59
N LEU A 286 -19.76 12.41 -3.52
CA LEU A 286 -19.67 11.31 -2.52
C LEU A 286 -18.36 10.52 -2.72
N GLY A 287 -18.03 10.13 -3.95
CA GLY A 287 -16.76 9.43 -4.22
C GLY A 287 -15.59 10.18 -3.65
N ALA A 288 -15.51 11.48 -3.93
CA ALA A 288 -14.36 12.30 -3.43
C ALA A 288 -14.34 12.30 -1.91
N ARG A 289 -15.52 12.32 -1.29
CA ARG A 289 -15.59 12.34 0.18
C ARG A 289 -15.38 10.95 0.80
N LEU A 290 -15.48 9.84 0.05
CA LEU A 290 -15.07 8.52 0.55
C LEU A 290 -13.54 8.38 0.59
N VAL A 291 -12.84 8.99 -0.37
CA VAL A 291 -11.37 8.83 -0.51
C VAL A 291 -10.65 9.98 0.22
N GLY A 292 -11.12 11.22 0.10
CA GLY A 292 -10.39 12.39 0.56
C GLY A 292 -9.78 13.18 -0.57
N ARG A 293 -9.90 12.68 -1.80
CA ARG A 293 -9.45 13.41 -3.01
C ARG A 293 -10.51 13.18 -4.08
N TRP A 294 -10.62 14.11 -5.01
CA TRP A 294 -11.28 13.88 -6.31
C TRP A 294 -10.47 12.82 -7.06
N LYS A 295 -11.06 12.19 -8.04
CA LYS A 295 -10.34 11.18 -8.87
C LYS A 295 -9.11 11.80 -9.54
N SER A 296 -9.12 13.09 -9.83
CA SER A 296 -7.95 13.81 -10.39
C SER A 296 -6.72 13.75 -9.46
N GLY A 297 -6.94 13.65 -8.17
CA GLY A 297 -5.96 13.83 -7.09
C GLY A 297 -6.10 15.12 -6.31
N ALA A 298 -6.97 16.03 -6.74
CA ALA A 298 -7.19 17.29 -5.99
C ALA A 298 -7.74 16.95 -4.60
N PRO A 299 -7.09 17.37 -3.50
CA PRO A 299 -7.56 17.00 -2.16
C PRO A 299 -8.80 17.82 -1.76
N ILE A 300 -9.78 17.17 -1.16
CA ILE A 300 -11.03 17.87 -0.77
C ILE A 300 -10.80 18.83 0.39
N ASP A 301 -9.77 18.66 1.21
CA ASP A 301 -9.48 19.64 2.28
C ASP A 301 -9.11 20.98 1.65
N ILE A 302 -8.62 20.99 0.42
CA ILE A 302 -8.29 22.25 -0.29
C ILE A 302 -9.49 22.67 -1.12
N THR A 303 -10.13 21.73 -1.84
CA THR A 303 -11.22 22.07 -2.78
C THR A 303 -12.39 21.16 -2.51
N PRO A 304 -13.23 21.49 -1.50
CA PRO A 304 -14.16 20.49 -0.96
C PRO A 304 -15.36 20.19 -1.86
N LEU A 305 -15.77 21.15 -2.68
CA LEU A 305 -17.08 21.00 -3.37
C LEU A 305 -16.96 21.04 -4.90
N GLN A 306 -15.75 21.07 -5.45
CA GLN A 306 -15.51 21.00 -6.90
C GLN A 306 -14.13 20.39 -7.12
N ASP A 307 -13.94 19.71 -8.22
CA ASP A 307 -12.59 19.25 -8.61
C ASP A 307 -11.76 20.49 -8.94
N ASP A 308 -10.43 20.36 -8.99
CA ASP A 308 -9.50 21.41 -9.48
C ASP A 308 -8.37 20.66 -10.13
N PRO A 309 -8.51 20.42 -11.45
CA PRO A 309 -7.50 19.65 -12.18
C PRO A 309 -6.12 20.31 -12.14
N GLU A 310 -6.04 21.64 -12.11
CA GLU A 310 -4.72 22.34 -12.10
C GLU A 310 -4.04 22.05 -10.76
N LEU A 311 -4.80 22.13 -9.67
CA LEU A 311 -4.32 21.82 -8.29
C LEU A 311 -3.84 20.37 -8.27
N ALA A 312 -4.66 19.45 -8.81
CA ALA A 312 -4.39 18.00 -8.74
C ALA A 312 -3.01 17.69 -9.34
N LYS A 313 -2.60 18.42 -10.38
CA LYS A 313 -1.33 18.08 -11.08
C LYS A 313 -0.13 18.75 -10.41
N ASP A 314 -0.30 19.67 -9.47
CA ASP A 314 0.80 20.50 -8.95
C ASP A 314 1.27 19.94 -7.61
N PRO A 315 2.45 19.28 -7.58
CA PRO A 315 2.92 18.66 -6.34
C PRO A 315 3.28 19.72 -5.27
N GLN A 316 3.41 21.01 -5.64
CA GLN A 316 3.68 22.10 -4.68
C GLN A 316 2.38 22.48 -3.97
N ARG A 317 1.25 21.98 -4.46
CA ARG A 317 -0.08 22.36 -3.93
C ARG A 317 -0.93 21.16 -3.54
N ASN A 318 -0.81 20.00 -4.20
CA ASN A 318 -1.86 18.97 -4.07
C ASN A 318 -1.69 18.19 -2.76
N ASN A 319 -0.71 18.51 -1.90
CA ASN A 319 -0.56 17.81 -0.61
C ASN A 319 -0.53 18.83 0.53
N ASN A 320 -0.78 20.11 0.22
CA ASN A 320 -0.57 21.18 1.21
C ASN A 320 -1.84 21.38 2.04
N PHE A 321 -2.17 20.39 2.87
CA PHE A 321 -3.36 20.47 3.77
C PHE A 321 -3.05 19.62 4.99
N ARG A 322 -3.75 19.86 6.10
N ARG A 322 -3.72 19.87 6.14
CA ARG A 322 -3.56 19.05 7.32
CA ARG A 322 -3.56 18.98 7.31
C ARG A 322 -4.87 18.83 8.10
C ARG A 322 -4.88 18.80 8.10
N PHE A 323 -6.02 19.15 7.54
CA PHE A 323 -7.33 19.07 8.24
C PHE A 323 -7.30 20.05 9.43
N ASP A 324 -6.83 21.28 9.22
CA ASP A 324 -6.70 22.25 10.35
C ASP A 324 -7.64 23.43 10.21
N HIS A 325 -8.54 23.50 9.22
CA HIS A 325 -9.43 24.69 9.10
C HIS A 325 -10.73 24.28 8.40
N PRO A 326 -11.69 23.61 9.08
CA PRO A 326 -11.69 23.41 10.54
C PRO A 326 -10.79 22.26 11.02
N PHE A 327 -10.40 22.30 12.29
CA PHE A 327 -9.67 21.21 13.02
C PHE A 327 -10.67 20.19 13.55
N ALA A 328 -10.18 18.99 13.91
CA ALA A 328 -11.02 17.82 14.31
C ALA A 328 -12.00 18.16 15.44
N ASP A 329 -11.55 18.90 16.44
CA ASP A 329 -12.30 19.14 17.72
C ASP A 329 -13.45 20.14 17.54
N GLU A 330 -13.64 20.75 16.37
CA GLU A 330 -14.68 21.82 16.23
C GLU A 330 -16.03 21.16 15.91
N GLN A 331 -17.11 21.79 16.33
CA GLN A 331 -18.48 21.33 15.93
C GLN A 331 -18.55 21.39 14.41
N ASP A 332 -19.20 20.42 13.78
CA ASP A 332 -19.33 20.30 12.30
C ASP A 332 -17.95 20.27 11.62
N SER A 333 -16.96 19.62 12.21
CA SER A 333 -15.59 19.65 11.65
C SER A 333 -15.39 18.73 10.43
N GLN A 334 -16.42 18.05 9.93
CA GLN A 334 -16.30 17.19 8.72
C GLN A 334 -16.80 17.96 7.48
N THR A 335 -16.87 19.29 7.54
CA THR A 335 -17.37 20.09 6.41
C THR A 335 -16.55 19.80 5.15
N ARG A 336 -15.21 19.76 5.26
CA ARG A 336 -14.34 19.66 4.06
C ARG A 336 -13.95 18.22 3.78
N CYS A 337 -13.70 17.42 4.81
CA CYS A 337 -13.31 16.01 4.64
C CYS A 337 -13.89 15.20 5.78
N PRO A 338 -14.65 14.14 5.48
CA PRO A 338 -15.12 13.26 6.55
C PRO A 338 -13.93 12.68 7.31
N PHE A 339 -14.07 12.43 8.61
CA PHE A 339 -13.03 11.74 9.40
C PHE A 339 -12.66 10.40 8.76
N ALA A 340 -13.67 9.67 8.28
CA ALA A 340 -13.48 8.28 7.84
C ALA A 340 -13.04 8.24 6.37
N ALA A 341 -12.86 9.38 5.69
CA ALA A 341 -12.33 9.34 4.30
C ALA A 341 -11.00 8.58 4.36
N HIS A 342 -10.73 7.75 3.33
CA HIS A 342 -9.55 6.85 3.30
C HIS A 342 -8.28 7.57 3.72
N ILE A 343 -7.92 8.69 3.07
CA ILE A 343 -6.61 9.34 3.38
C ILE A 343 -6.60 9.91 4.78
N ARG A 344 -7.75 10.29 5.34
CA ARG A 344 -7.80 10.90 6.68
C ARG A 344 -7.70 9.77 7.73
N LYS A 345 -8.17 8.58 7.43
CA LYS A 345 -7.93 7.39 8.27
C LYS A 345 -6.44 7.00 8.23
N THR A 346 -5.80 7.02 7.06
CA THR A 346 -4.47 6.37 6.89
C THR A 346 -3.32 7.34 7.18
N ASN A 347 -3.57 8.63 7.06
CA ASN A 347 -2.64 9.72 7.47
C ASN A 347 -3.46 10.82 8.14
N PRO A 348 -3.68 10.72 9.47
CA PRO A 348 -4.56 11.63 10.21
C PRO A 348 -4.11 13.10 10.26
N ARG A 349 -2.86 13.39 9.86
CA ARG A 349 -2.33 14.79 9.82
C ARG A 349 -2.67 15.46 11.16
N ALA A 350 -3.32 16.63 11.17
CA ALA A 350 -3.51 17.41 12.41
C ALA A 350 -4.47 16.69 13.37
N ASP A 351 -5.23 15.69 12.94
CA ASP A 351 -6.09 14.92 13.87
C ASP A 351 -5.26 14.30 15.01
N LEU A 352 -3.97 14.12 14.78
CA LEU A 352 -3.08 13.61 15.84
C LEU A 352 -1.91 14.57 16.06
N GLU A 353 -1.53 15.36 15.06
CA GLU A 353 -0.33 16.25 15.11
C GLU A 353 -0.69 17.40 16.08
N ASP A 354 -0.41 17.06 17.34
CA ASP A 354 -0.61 17.62 18.69
C ASP A 354 0.30 16.76 19.59
N ALA A 355 0.41 15.47 19.21
CA ALA A 355 1.26 14.38 19.74
C ALA A 355 2.69 14.59 19.24
N SER A 356 3.61 13.78 19.75
CA SER A 356 5.06 13.99 19.48
C SER A 356 5.39 13.73 18.00
N PRO A 357 6.32 14.54 17.44
CA PRO A 357 6.90 14.23 16.12
C PRO A 357 7.41 12.79 15.96
N THR A 358 7.99 12.17 17.01
CA THR A 358 8.47 10.76 16.98
C THR A 358 7.24 9.83 16.89
N SER A 359 6.19 10.13 17.67
CA SER A 359 4.94 9.34 17.69
C SER A 359 4.26 9.36 16.31
N VAL A 360 4.04 10.53 15.70
CA VAL A 360 3.24 10.62 14.43
C VAL A 360 4.06 10.15 13.22
N GLU A 361 5.36 10.49 13.19
CA GLU A 361 6.27 9.99 12.14
C GLU A 361 6.24 8.47 12.20
N SER A 362 5.97 7.83 13.34
CA SER A 362 6.21 6.36 13.45
C SER A 362 5.16 5.56 12.67
N ARG A 363 4.04 6.19 12.30
CA ARG A 363 2.89 5.52 11.66
C ARG A 363 3.01 5.63 10.14
N ARG A 364 4.05 6.23 9.60
CA ARG A 364 4.12 6.49 8.15
C ARG A 364 4.63 5.25 7.42
N ILE A 365 4.08 5.04 6.22
CA ILE A 365 4.50 3.94 5.31
C ILE A 365 4.83 4.51 3.95
N ILE A 366 5.70 3.81 3.23
CA ILE A 366 5.94 4.04 1.78
C ILE A 366 5.16 3.01 0.98
N ARG A 367 4.35 3.47 0.05
CA ARG A 367 3.47 2.60 -0.76
C ARG A 367 4.07 2.42 -2.16
N ARG A 368 4.10 1.17 -2.63
CA ARG A 368 4.71 0.85 -3.94
C ARG A 368 3.84 -0.15 -4.69
N GLY A 369 2.55 -0.03 -4.52
CA GLY A 369 1.65 -1.05 -5.11
C GLY A 369 1.49 -0.83 -6.61
N ILE A 370 0.64 -1.63 -7.22
CA ILE A 370 0.29 -1.49 -8.66
C ILE A 370 -1.07 -2.13 -8.84
N PRO A 371 -1.95 -1.55 -9.69
CA PRO A 371 -3.18 -2.23 -10.02
C PRO A 371 -2.92 -3.59 -10.71
N TYR A 372 -3.90 -4.48 -10.67
CA TYR A 372 -3.88 -5.72 -11.47
C TYR A 372 -5.23 -5.92 -12.13
N GLY A 373 -5.18 -6.68 -13.21
CA GLY A 373 -6.39 -7.18 -13.88
C GLY A 373 -6.82 -6.27 -15.01
N PRO A 374 -7.80 -6.74 -15.79
CA PRO A 374 -8.28 -6.03 -16.95
C PRO A 374 -9.18 -4.86 -16.53
N GLU A 375 -9.35 -3.94 -17.45
CA GLU A 375 -10.36 -2.87 -17.37
C GLU A 375 -11.75 -3.47 -17.32
N VAL A 376 -12.68 -2.72 -16.71
CA VAL A 376 -14.10 -3.14 -16.54
C VAL A 376 -14.67 -3.28 -17.96
N THR A 377 -15.34 -4.39 -18.27
CA THR A 377 -15.87 -4.65 -19.61
C THR A 377 -17.23 -3.95 -19.75
N PRO A 378 -17.71 -3.70 -20.99
CA PRO A 378 -19.06 -3.18 -21.17
C PRO A 378 -20.10 -4.00 -20.37
N GLU A 379 -20.02 -5.34 -20.40
CA GLU A 379 -21.03 -6.17 -19.69
C GLU A 379 -21.00 -5.90 -18.19
N GLU A 380 -19.81 -5.86 -17.60
CA GLU A 380 -19.67 -5.57 -16.15
C GLU A 380 -20.27 -4.21 -15.87
N LYS A 381 -19.92 -3.22 -16.70
CA LYS A 381 -20.34 -1.82 -16.48
C LYS A 381 -21.87 -1.75 -16.53
N GLU A 382 -22.47 -2.31 -17.58
CA GLU A 382 -23.91 -2.13 -17.86
C GLU A 382 -24.73 -2.98 -16.89
N SER A 383 -24.24 -4.17 -16.53
CA SER A 383 -24.92 -5.13 -15.60
C SER A 383 -24.68 -4.70 -14.15
N LYS A 384 -23.66 -3.86 -13.91
CA LYS A 384 -23.25 -3.36 -12.57
C LYS A 384 -22.74 -4.52 -11.72
N LYS A 385 -22.08 -5.50 -12.31
CA LYS A 385 -21.61 -6.67 -11.55
C LYS A 385 -20.21 -7.06 -12.02
N THR A 386 -19.31 -7.31 -11.08
CA THR A 386 -17.93 -7.81 -11.32
C THR A 386 -18.00 -9.23 -11.92
N LYS A 387 -17.32 -9.43 -13.03
CA LYS A 387 -17.09 -10.77 -13.63
C LYS A 387 -15.61 -11.15 -13.57
N HIS A 388 -14.67 -10.19 -13.53
CA HIS A 388 -13.23 -10.44 -13.72
C HIS A 388 -12.47 -10.01 -12.47
N ASP A 389 -11.39 -10.72 -12.17
CA ASP A 389 -10.52 -10.41 -10.99
C ASP A 389 -9.67 -9.20 -11.36
N ARG A 390 -9.78 -8.14 -10.58
CA ARG A 390 -8.97 -6.91 -10.73
C ARG A 390 -8.87 -6.27 -9.36
N GLY A 391 -7.87 -5.44 -9.18
CA GLY A 391 -7.71 -4.73 -7.89
C GLY A 391 -6.34 -4.15 -7.77
N LEU A 392 -5.84 -4.16 -6.54
CA LEU A 392 -4.57 -3.54 -6.17
C LEU A 392 -3.66 -4.62 -5.60
N LEU A 393 -2.44 -4.68 -6.10
CA LEU A 393 -1.32 -5.38 -5.44
C LEU A 393 -0.73 -4.34 -4.52
N PHE A 394 -1.21 -4.37 -3.28
CA PHE A 394 -0.83 -3.38 -2.26
C PHE A 394 0.55 -3.78 -1.74
N VAL A 395 1.50 -2.85 -1.77
CA VAL A 395 2.85 -3.07 -1.16
C VAL A 395 3.16 -1.86 -0.32
N CYS A 396 3.61 -2.07 0.91
CA CYS A 396 4.15 -0.93 1.66
C CYS A 396 5.39 -1.38 2.40
N TYR A 397 6.25 -0.40 2.66
CA TYR A 397 7.52 -0.56 3.38
C TYR A 397 7.49 0.26 4.68
N GLN A 398 8.15 -0.28 5.70
CA GLN A 398 8.27 0.30 7.04
C GLN A 398 9.31 -0.49 7.80
N SER A 399 9.89 0.11 8.82
CA SER A 399 10.84 -0.60 9.69
C SER A 399 10.10 -1.45 10.71
N ASN A 400 8.82 -1.16 10.94
CA ASN A 400 8.05 -1.79 12.04
C ASN A 400 6.62 -2.05 11.56
N ILE A 401 6.29 -3.31 11.29
CA ILE A 401 4.96 -3.65 10.70
C ILE A 401 3.87 -3.24 11.70
N GLU A 402 4.15 -3.42 13.00
CA GLU A 402 3.15 -3.11 14.08
C GLU A 402 2.82 -1.63 14.08
N ASN A 403 3.80 -0.80 13.78
CA ASN A 403 3.63 0.67 13.86
C ASN A 403 3.01 1.23 12.59
N GLY A 404 3.25 0.57 11.45
CA GLY A 404 2.81 1.00 10.12
C GLY A 404 1.56 0.31 9.65
N PHE A 405 1.69 -0.56 8.66
CA PHE A 405 0.55 -1.26 8.03
C PHE A 405 -0.46 -1.73 9.10
N GLN A 406 -0.03 -2.47 10.10
CA GLN A 406 -1.00 -3.08 11.06
C GLN A 406 -1.76 -2.00 11.84
N PHE A 407 -1.07 -0.96 12.26
CA PHE A 407 -1.68 0.12 13.07
C PHE A 407 -2.71 0.85 12.22
N ILE A 408 -2.31 1.23 11.00
CA ILE A 408 -3.19 1.93 10.03
C ILE A 408 -4.43 1.10 9.78
N GLN A 409 -4.27 -0.18 9.46
CA GLN A 409 -5.45 -1.02 9.17
C GLN A 409 -6.32 -1.15 10.43
N LYS A 410 -5.73 -1.57 11.54
CA LYS A 410 -6.50 -2.10 12.68
C LYS A 410 -6.89 -1.01 13.69
N SER A 411 -6.01 -0.07 14.02
CA SER A 411 -6.29 1.02 14.98
C SER A 411 -7.07 2.18 14.35
N TRP A 412 -6.95 2.40 13.04
CA TRP A 412 -7.50 3.58 12.36
C TRP A 412 -8.61 3.16 11.39
N ALA A 413 -8.30 2.51 10.29
CA ALA A 413 -9.29 2.16 9.26
C ALA A 413 -10.44 1.33 9.85
N ASN A 414 -10.13 0.36 10.71
CA ASN A 414 -11.15 -0.56 11.29
C ASN A 414 -11.81 -0.02 12.56
N ASN A 415 -11.49 1.20 12.97
CA ASN A 415 -11.94 1.72 14.27
C ASN A 415 -12.98 2.80 14.02
N PRO A 416 -14.27 2.51 14.26
CA PRO A 416 -15.34 3.49 13.95
C PRO A 416 -15.33 4.72 14.86
N ASN A 417 -14.51 4.72 15.92
CA ASN A 417 -14.49 5.83 16.89
C ASN A 417 -13.16 6.54 16.91
N PHE A 418 -12.27 6.22 15.98
CA PHE A 418 -11.06 7.04 15.72
C PHE A 418 -11.48 8.29 14.94
N PRO A 419 -10.86 9.47 15.08
CA PRO A 419 -9.83 9.81 16.06
C PRO A 419 -10.38 10.44 17.34
N PRO A 420 -9.66 10.33 18.47
CA PRO A 420 -10.17 10.89 19.73
C PRO A 420 -10.23 12.43 19.74
N SER A 421 -9.57 13.10 18.79
CA SER A 421 -9.59 14.58 18.69
C SER A 421 -10.97 15.05 18.21
N LYS A 422 -11.79 14.13 17.68
CA LYS A 422 -13.17 14.48 17.24
C LYS A 422 -14.02 14.92 18.43
N PRO A 423 -15.16 15.61 18.19
CA PRO A 423 -16.13 15.89 19.24
C PRO A 423 -16.69 14.58 19.76
N ASN A 424 -16.90 14.52 21.07
CA ASN A 424 -17.41 13.27 21.70
C ASN A 424 -18.67 12.73 21.02
N PRO A 425 -19.70 13.54 20.64
CA PRO A 425 -20.90 12.97 20.01
C PRO A 425 -20.71 12.35 18.62
N VAL A 426 -19.55 12.56 17.99
CA VAL A 426 -19.35 12.10 16.59
C VAL A 426 -18.90 10.64 16.57
N THR A 427 -19.52 9.79 15.76
N THR A 427 -19.53 9.87 15.68
CA THR A 427 -19.00 8.43 15.43
CA THR A 427 -19.20 8.47 15.32
C THR A 427 -18.65 8.36 13.95
C THR A 427 -18.69 8.45 13.87
N PRO A 428 -17.36 8.57 13.58
CA PRO A 428 -16.91 8.59 12.18
C PRO A 428 -17.28 7.36 11.35
N GLY A 429 -17.16 6.18 11.95
CA GLY A 429 -17.40 4.93 11.21
C GLY A 429 -16.13 4.42 10.55
N PHE A 430 -16.30 3.54 9.60
CA PHE A 430 -15.21 2.75 8.97
C PHE A 430 -14.68 3.50 7.77
N ASP A 431 -13.41 3.27 7.48
CA ASP A 431 -12.80 3.59 6.17
C ASP A 431 -13.64 2.85 5.13
N PRO A 432 -14.32 3.58 4.22
CA PRO A 432 -15.23 2.92 3.28
C PRO A 432 -14.51 2.12 2.18
N ILE A 433 -13.20 2.33 2.03
CA ILE A 433 -12.38 1.63 1.01
C ILE A 433 -11.84 0.32 1.61
N ILE A 434 -11.16 0.36 2.76
CA ILE A 434 -10.41 -0.79 3.31
C ILE A 434 -10.92 -1.19 4.70
N GLY A 435 -11.83 -0.44 5.32
CA GLY A 435 -12.25 -0.70 6.71
C GLY A 435 -12.97 -2.03 6.81
N GLN A 436 -12.62 -2.82 7.82
CA GLN A 436 -13.25 -4.17 8.04
C GLN A 436 -13.73 -4.29 9.48
N ALA A 437 -14.95 -4.79 9.66
CA ALA A 437 -15.62 -4.94 10.97
C ALA A 437 -15.20 -6.25 11.64
N ALA A 438 -15.43 -6.32 12.95
CA ALA A 438 -14.84 -7.34 13.86
C ALA A 438 -15.41 -8.72 13.58
N ASN A 439 -16.71 -8.83 13.32
CA ASN A 439 -17.35 -10.15 13.03
C ASN A 439 -17.65 -10.26 11.52
N ASN A 440 -17.80 -11.51 11.09
CA ASN A 440 -18.11 -11.84 9.69
C ASN A 440 -19.35 -11.05 9.30
N ASP A 441 -20.16 -10.68 10.29
CA ASP A 441 -21.32 -9.78 10.08
C ASP A 441 -20.70 -8.39 9.96
N GLY A 442 -20.27 -8.03 8.76
CA GLY A 442 -19.54 -6.77 8.64
C GLY A 442 -20.44 -5.59 8.40
N ALA A 443 -21.38 -5.31 9.30
CA ALA A 443 -22.19 -4.09 9.11
C ALA A 443 -21.25 -2.92 9.35
N ARG A 444 -21.15 -2.05 8.36
CA ARG A 444 -20.23 -0.89 8.42
C ARG A 444 -21.08 0.35 8.15
N THR A 445 -20.83 1.40 8.89
CA THR A 445 -21.48 2.71 8.66
C THR A 445 -20.37 3.75 8.51
N MET A 446 -20.74 4.89 7.96
CA MET A 446 -19.82 6.04 7.88
C MET A 446 -20.63 7.31 8.05
N SER A 447 -20.21 8.17 8.95
CA SER A 447 -20.84 9.49 9.18
C SER A 447 -20.10 10.53 8.35
N GLY A 448 -20.66 11.73 8.29
CA GLY A 448 -19.96 12.90 7.81
C GLY A 448 -19.97 13.07 6.32
N THR A 449 -20.54 12.17 5.52
CA THR A 449 -20.40 12.29 4.04
C THR A 449 -21.26 13.44 3.54
N ASP A 450 -22.37 13.75 4.18
CA ASP A 450 -23.19 14.93 3.78
C ASP A 450 -22.68 16.13 4.57
N PRO A 451 -22.00 17.11 3.96
CA PRO A 451 -21.34 18.17 4.73
C PRO A 451 -22.34 19.05 5.48
N ASN A 452 -23.60 19.08 5.03
CA ASN A 452 -24.61 19.95 5.69
C ASN A 452 -25.45 19.12 6.65
N ASN A 453 -25.20 17.81 6.75
CA ASN A 453 -25.93 16.93 7.73
C ASN A 453 -24.97 15.86 8.20
N GLN A 454 -23.92 16.28 8.91
CA GLN A 454 -22.75 15.44 9.17
C GLN A 454 -23.11 14.31 10.14
N ALA A 455 -24.17 14.42 10.95
CA ALA A 455 -24.56 13.32 11.86
C ALA A 455 -25.20 12.14 11.10
N ASN A 456 -25.71 12.35 9.89
CA ASN A 456 -26.39 11.29 9.09
C ASN A 456 -25.41 10.18 8.72
N GLU A 457 -25.81 8.94 9.02
CA GLU A 457 -25.01 7.73 8.79
C GLU A 457 -25.30 7.23 7.37
N LEU A 458 -24.27 6.83 6.68
CA LEU A 458 -24.41 6.13 5.41
C LEU A 458 -24.07 4.66 5.69
N SER A 459 -25.02 3.78 5.46
CA SER A 459 -24.80 2.33 5.62
C SER A 459 -23.98 1.83 4.44
N LEU A 460 -22.82 1.22 4.65
CA LEU A 460 -22.02 0.68 3.51
C LEU A 460 -22.65 -0.65 3.16
N PRO A 461 -22.53 -1.12 1.89
CA PRO A 461 -23.08 -2.42 1.52
C PRO A 461 -22.47 -3.54 2.36
N THR A 462 -23.24 -4.62 2.58
CA THR A 462 -22.77 -5.87 3.22
C THR A 462 -21.60 -6.42 2.41
N GLU A 463 -21.71 -6.38 1.08
CA GLU A 463 -20.63 -6.85 0.16
C GLU A 463 -19.54 -5.77 0.17
N LEU A 464 -18.33 -6.11 0.61
CA LEU A 464 -17.23 -5.11 0.63
C LEU A 464 -16.93 -4.64 -0.80
N PHE A 465 -16.33 -3.46 -0.94
CA PHE A 465 -15.82 -2.98 -2.24
C PHE A 465 -14.44 -3.56 -2.51
N VAL A 466 -13.69 -3.83 -1.45
CA VAL A 466 -12.31 -4.35 -1.49
C VAL A 466 -12.30 -5.67 -0.72
N VAL A 467 -11.87 -6.74 -1.39
CA VAL A 467 -11.93 -8.10 -0.79
C VAL A 467 -10.49 -8.60 -0.70
N PRO A 468 -9.94 -8.71 0.52
CA PRO A 468 -8.58 -9.24 0.63
C PRO A 468 -8.53 -10.68 0.13
N ARG A 469 -7.52 -11.01 -0.67
CA ARG A 469 -7.33 -12.36 -1.24
C ARG A 469 -6.05 -13.00 -0.72
N GLY A 470 -5.34 -12.32 0.17
CA GLY A 470 -4.17 -12.94 0.80
C GLY A 470 -2.95 -12.04 0.73
N GLY A 471 -1.91 -12.49 1.39
CA GLY A 471 -0.64 -11.78 1.33
C GLY A 471 0.29 -12.34 2.35
N GLU A 472 1.45 -11.71 2.46
CA GLU A 472 2.46 -12.11 3.43
C GLU A 472 3.29 -10.91 3.86
N TYR A 473 3.95 -11.07 4.99
CA TYR A 473 4.91 -10.12 5.56
C TYR A 473 6.33 -10.58 5.25
N PHE A 474 7.09 -9.72 4.59
CA PHE A 474 8.45 -10.05 4.11
C PHE A 474 9.43 -9.01 4.66
N PHE A 475 10.70 -9.34 4.49
CA PHE A 475 11.86 -8.46 4.79
C PHE A 475 12.76 -8.37 3.55
N SER A 476 12.96 -7.14 3.06
CA SER A 476 13.86 -6.78 1.93
C SER A 476 15.20 -6.43 2.52
N PRO A 477 16.22 -7.32 2.46
CA PRO A 477 17.50 -7.00 3.08
C PRO A 477 18.30 -5.97 2.28
N SER A 478 19.32 -5.43 2.93
CA SER A 478 20.35 -4.59 2.29
C SER A 478 21.17 -5.42 1.28
N ILE A 479 21.91 -4.75 0.40
CA ILE A 479 22.83 -5.43 -0.53
C ILE A 479 23.92 -6.11 0.29
N SER A 480 24.50 -5.42 1.26
CA SER A 480 25.61 -6.03 2.05
C SER A 480 25.06 -7.25 2.82
N ALA A 481 23.82 -7.21 3.29
CA ALA A 481 23.22 -8.37 3.99
C ALA A 481 23.06 -9.56 2.99
N LEU A 482 22.55 -9.28 1.80
CA LEU A 482 22.41 -10.30 0.75
C LEU A 482 23.79 -10.94 0.48
N LYS A 483 24.85 -10.15 0.40
CA LYS A 483 26.22 -10.64 0.07
C LYS A 483 26.82 -11.42 1.23
N ASP A 484 26.73 -10.87 2.44
CA ASP A 484 27.56 -11.30 3.59
C ASP A 484 26.78 -12.26 4.47
N THR A 485 25.45 -12.29 4.41
CA THR A 485 24.67 -13.19 5.29
C THR A 485 23.82 -14.20 4.49
N PHE A 486 23.08 -13.76 3.47
CA PHE A 486 22.10 -14.63 2.77
C PHE A 486 22.83 -15.54 1.77
N ALA A 487 23.74 -14.96 0.98
CA ALA A 487 24.46 -15.67 -0.10
C ALA A 487 25.58 -16.51 0.50
N ALA A 488 26.01 -17.50 -0.25
CA ALA A 488 27.10 -18.45 0.10
C ALA A 488 28.07 -18.55 -1.09
#